data_4FIZ
#
_entry.id   4FIZ
#
_cell.length_a   67.920
_cell.length_b   67.920
_cell.length_c   267.650
_cell.angle_alpha   90.00
_cell.angle_beta   90.00
_cell.angle_gamma   90.00
#
_symmetry.space_group_name_H-M   'I 41 2 2'
#
loop_
_entity.id
_entity.type
_entity.pdbx_description
1 polymer '17beta-hydroxysteroid dehydrogenase'
2 non-polymer Coumestrol
3 non-polymer 'DIMETHYL SULFOXIDE'
4 non-polymer GLYCEROL
5 non-polymer 'CHLORIDE ION'
6 water water
#
_entity_poly.entity_id   1
_entity_poly.type   'polypeptide(L)'
_entity_poly.pdbx_seq_one_letter_code
;MPHVENASETYIPGRLDGKVALVTGSGRGIGAAVAVHLGRLGAKVVVNYANSTKDAEKVVSEIKALGSDAIAIKADIRQV
PEIVKLFDQAVAHFGHLDIAVSNSGVVSFGHLKDVTEEEFDRVFSLNTRGQFFVAREAYRHLTEGGRIVLTSSNTSKDFS
VPKHSLYSGSKGAVDSFVRIFSKDCGDKKITVNAVAPGGTVTDMFHEVSHHYIPNGTSYTAEQRQQMAAHASPLHRNGWP
QDVANVVGFLVSKEGEWVNGKVLTLDGGAA
;
_entity_poly.pdbx_strand_id   A
#
loop_
_chem_comp.id
_chem_comp.type
_chem_comp.name
_chem_comp.formula
CL non-polymer 'CHLORIDE ION' 'Cl -1'
CUE non-polymer Coumestrol 'C15 H8 O5'
DMS non-polymer 'DIMETHYL SULFOXIDE' 'C2 H6 O S'
GOL non-polymer GLYCEROL 'C3 H8 O3'
#
# COMPACT_ATOMS: atom_id res chain seq x y z
N TYR A 11 14.01 11.85 -21.28
N TYR A 11 11.11 4.16 -26.86
CA TYR A 11 12.82 11.33 -20.54
CA TYR A 11 10.17 4.59 -25.80
C TYR A 11 12.34 9.99 -21.09
C TYR A 11 10.30 3.69 -24.56
N ILE A 12 12.10 9.04 -20.18
N ILE A 12 10.77 4.29 -23.48
CA ILE A 12 11.62 7.71 -20.53
CA ILE A 12 10.84 3.64 -22.17
C ILE A 12 10.21 7.50 -19.96
C ILE A 12 9.67 4.17 -21.32
N PRO A 13 9.20 7.32 -20.84
N PRO A 13 8.57 3.40 -21.18
CA PRO A 13 7.83 7.04 -20.39
CA PRO A 13 7.38 3.99 -20.57
C PRO A 13 7.77 5.91 -19.34
C PRO A 13 7.40 3.94 -19.06
N GLY A 14 6.94 6.08 -18.31
N GLY A 14 6.86 4.96 -18.43
CA GLY A 14 6.69 5.01 -17.32
CA GLY A 14 6.56 4.95 -17.01
C GLY A 14 7.67 5.06 -16.16
C GLY A 14 7.75 4.94 -16.08
N ARG A 15 8.83 5.63 -16.42
CA ARG A 15 9.89 5.76 -15.46
C ARG A 15 9.68 6.99 -14.58
N LEU A 16 10.46 7.04 -13.51
CA LEU A 16 10.28 8.02 -12.46
C LEU A 16 11.60 8.72 -12.21
N ASP A 17 12.41 8.84 -13.26
CA ASP A 17 13.72 9.43 -13.12
C ASP A 17 13.56 10.88 -12.70
N GLY A 18 14.37 11.30 -11.73
CA GLY A 18 14.29 12.65 -11.20
C GLY A 18 13.20 12.84 -10.15
N LYS A 19 12.43 11.79 -9.86
CA LYS A 19 11.34 11.92 -8.91
C LYS A 19 11.76 11.44 -7.52
N VAL A 20 11.00 11.87 -6.53
CA VAL A 20 11.19 11.43 -5.14
C VAL A 20 9.86 10.83 -4.63
N ALA A 21 9.94 9.61 -4.11
CA ALA A 21 8.79 8.87 -3.62
C ALA A 21 8.95 8.46 -2.17
N LEU A 22 7.85 8.47 -1.43
CA LEU A 22 7.80 8.00 -0.04
C LEU A 22 6.85 6.83 0.01
N VAL A 23 7.28 5.74 0.64
CA VAL A 23 6.53 4.50 0.70
C VAL A 23 6.41 4.03 2.16
N THR A 24 5.20 3.95 2.67
CA THR A 24 4.98 3.43 4.04
C THR A 24 4.82 1.91 4.06
N GLY A 25 4.99 1.29 5.23
CA GLY A 25 4.92 -0.16 5.35
C GLY A 25 5.98 -0.89 4.54
N SER A 26 7.14 -0.27 4.38
CA SER A 26 8.21 -0.76 3.51
C SER A 26 9.10 -1.82 4.10
N GLY A 27 8.94 -2.15 5.38
CA GLY A 27 9.85 -3.07 6.02
C GLY A 27 9.76 -4.45 5.40
N ARG A 28 8.52 -4.81 5.03
CA ARG A 28 8.11 -6.16 4.69
C ARG A 28 7.14 -6.22 3.49
N GLY A 29 6.98 -7.43 2.96
CA GLY A 29 5.89 -7.78 2.10
C GLY A 29 5.67 -6.87 0.92
N ILE A 30 4.42 -6.42 0.77
CA ILE A 30 3.99 -5.63 -0.38
C ILE A 30 4.73 -4.31 -0.42
N GLY A 31 4.76 -3.62 0.72
CA GLY A 31 5.43 -2.33 0.82
C GLY A 31 6.89 -2.35 0.40
N ALA A 32 7.62 -3.38 0.83
CA ALA A 32 9.03 -3.55 0.46
C ALA A 32 9.18 -3.66 -1.06
N ALA A 33 8.31 -4.47 -1.69
CA ALA A 33 8.40 -4.69 -3.13
C ALA A 33 8.09 -3.38 -3.86
N VAL A 34 7.15 -2.60 -3.32
CA VAL A 34 6.77 -1.29 -3.89
C VAL A 34 7.92 -0.28 -3.83
N ALA A 35 8.56 -0.17 -2.66
CA ALA A 35 9.71 0.71 -2.45
C ALA A 35 10.83 0.38 -3.43
N VAL A 36 11.19 -0.90 -3.51
CA VAL A 36 12.25 -1.35 -4.42
C VAL A 36 11.88 -1.07 -5.88
N HIS A 37 10.61 -1.28 -6.23
CA HIS A 37 10.15 -1.10 -7.61
C HIS A 37 10.23 0.35 -8.02
N LEU A 38 9.81 1.25 -7.13
CA LEU A 38 9.82 2.67 -7.48
C LEU A 38 11.28 3.12 -7.65
N GLY A 39 12.18 2.53 -6.86
CA GLY A 39 13.60 2.75 -7.06
C GLY A 39 14.11 2.20 -8.40
N ARG A 40 13.66 1.02 -8.77
CA ARG A 40 14.04 0.40 -10.06
C ARG A 40 13.58 1.30 -11.22
N LEU A 41 12.46 1.97 -11.02
CA LEU A 41 11.91 2.89 -12.00
C LEU A 41 12.63 4.25 -12.05
N GLY A 42 13.54 4.48 -11.11
CA GLY A 42 14.39 5.67 -11.15
C GLY A 42 14.08 6.71 -10.08
N ALA A 43 13.11 6.45 -9.21
CA ALA A 43 12.86 7.39 -8.12
C ALA A 43 13.86 7.20 -6.96
N LYS A 44 14.17 8.28 -6.27
CA LYS A 44 14.78 8.22 -4.94
C LYS A 44 13.67 7.91 -3.96
N VAL A 45 13.97 7.08 -2.96
CA VAL A 45 12.93 6.51 -2.13
C VAL A 45 13.13 6.77 -0.63
N VAL A 46 12.11 7.32 0.02
CA VAL A 46 12.03 7.31 1.46
C VAL A 46 11.33 6.00 1.86
N VAL A 47 12.08 5.13 2.51
CA VAL A 47 11.62 3.83 2.95
C VAL A 47 11.07 4.07 4.36
N ASN A 48 9.77 4.27 4.45
CA ASN A 48 9.14 4.43 5.75
C ASN A 48 8.66 3.07 6.22
N TYR A 49 8.78 2.84 7.51
CA TYR A 49 8.52 1.54 8.10
C TYR A 49 8.14 1.73 9.56
N ALA A 50 7.57 0.69 10.17
CA ALA A 50 7.01 0.74 11.50
C ALA A 50 7.84 0.04 12.58
N ASN A 51 8.64 -0.96 12.21
CA ASN A 51 9.24 -1.81 13.23
C ASN A 51 10.76 -1.97 13.04
N SER A 52 11.18 -2.89 12.16
CA SER A 52 12.57 -3.33 12.15
C SER A 52 13.43 -2.42 11.31
N THR A 53 14.37 -1.74 11.97
CA THR A 53 15.29 -0.85 11.27
C THR A 53 16.26 -1.63 10.38
N LYS A 54 16.76 -2.76 10.87
CA LYS A 54 17.60 -3.62 10.06
C LYS A 54 16.93 -4.04 8.72
N ASP A 55 15.66 -4.43 8.78
CA ASP A 55 14.91 -4.81 7.58
C ASP A 55 14.78 -3.63 6.65
N ALA A 56 14.44 -2.46 7.19
CA ALA A 56 14.29 -1.26 6.36
C ALA A 56 15.60 -0.87 5.66
N GLU A 57 16.73 -1.00 6.36
CA GLU A 57 18.04 -0.68 5.79
C GLU A 57 18.40 -1.69 4.70
N LYS A 58 17.93 -2.92 4.84
CA LYS A 58 18.02 -3.93 3.80
C LYS A 58 17.38 -3.43 2.50
N VAL A 59 16.18 -2.88 2.62
CA VAL A 59 15.46 -2.36 1.47
C VAL A 59 16.17 -1.17 0.87
N VAL A 60 16.61 -0.25 1.74
CA VAL A 60 17.46 0.87 1.30
C VAL A 60 18.64 0.36 0.48
N SER A 61 19.29 -0.70 0.96
CA SER A 61 20.47 -1.24 0.32
C SER A 61 20.17 -1.82 -1.06
N GLU A 62 19.04 -2.47 -1.21
CA GLU A 62 18.61 -2.98 -2.52
C GLU A 62 18.41 -1.85 -3.52
N ILE A 63 17.76 -0.79 -3.07
CA ILE A 63 17.46 0.35 -3.92
C ILE A 63 18.77 1.01 -4.38
N LYS A 64 19.72 1.19 -3.46
CA LYS A 64 21.03 1.73 -3.81
C LYS A 64 21.78 0.82 -4.77
N ALA A 65 21.70 -0.49 -4.54
CA ALA A 65 22.33 -1.47 -5.42
C ALA A 65 21.77 -1.38 -6.86
N LEU A 66 20.51 -1.00 -6.99
CA LEU A 66 19.88 -0.78 -8.29
C LEU A 66 20.32 0.53 -8.94
N GLY A 67 20.97 1.42 -8.19
CA GLY A 67 21.45 2.69 -8.74
C GLY A 67 20.66 3.92 -8.32
N SER A 68 19.69 3.78 -7.42
CA SER A 68 18.93 4.93 -6.94
C SER A 68 19.24 5.18 -5.47
N ASP A 69 18.97 6.39 -4.99
CA ASP A 69 19.24 6.71 -3.59
C ASP A 69 17.99 6.42 -2.76
N ALA A 70 18.21 6.10 -1.49
CA ALA A 70 17.14 5.83 -0.58
C ALA A 70 17.56 6.14 0.85
N ILE A 71 16.56 6.36 1.71
CA ILE A 71 16.80 6.58 3.13
C ILE A 71 15.62 5.99 3.92
N ALA A 72 15.93 5.35 5.04
CA ALA A 72 14.94 4.78 5.91
C ALA A 72 14.56 5.80 6.97
N ILE A 73 13.29 6.13 7.04
CA ILE A 73 12.77 7.01 8.09
C ILE A 73 11.60 6.32 8.75
N LYS A 74 11.74 5.99 10.02
CA LYS A 74 10.70 5.31 10.79
C LYS A 74 9.54 6.28 11.13
N ALA A 75 8.32 5.74 11.19
CA ALA A 75 7.18 6.46 11.78
C ALA A 75 6.09 5.50 12.24
N ASP A 76 5.49 5.84 13.37
CA ASP A 76 4.28 5.19 13.82
C ASP A 76 3.11 5.97 13.18
N ILE A 77 2.55 5.39 12.14
CA ILE A 77 1.50 6.04 11.33
C ILE A 77 0.17 6.16 12.09
N ARG A 78 0.02 5.47 13.22
CA ARG A 78 -1.08 5.77 14.14
C ARG A 78 -0.99 7.17 14.79
N GLN A 79 0.23 7.73 14.86
CA GLN A 79 0.44 9.01 15.50
C GLN A 79 0.60 10.08 14.45
N VAL A 80 -0.43 10.90 14.28
CA VAL A 80 -0.40 11.96 13.26
C VAL A 80 0.82 12.90 13.42
N PRO A 81 1.24 13.22 14.65
CA PRO A 81 2.46 14.04 14.73
C PRO A 81 3.68 13.39 14.07
N GLU A 82 3.76 12.05 14.08
CA GLU A 82 4.90 11.39 13.46
C GLU A 82 4.78 11.38 11.92
N ILE A 83 3.54 11.41 11.41
CA ILE A 83 3.30 11.48 9.96
C ILE A 83 3.79 12.85 9.45
N VAL A 84 3.43 13.90 10.17
CA VAL A 84 3.93 15.26 9.88
C VAL A 84 5.47 15.29 9.84
N LYS A 85 6.12 14.77 10.87
CA LYS A 85 7.58 14.81 10.89
C LYS A 85 8.20 13.96 9.81
N LEU A 86 7.62 12.79 9.55
CA LEU A 86 8.09 11.95 8.44
C LEU A 86 8.15 12.71 7.11
N PHE A 87 7.05 13.37 6.78
CA PHE A 87 6.95 14.14 5.53
C PHE A 87 7.85 15.39 5.54
N ASP A 88 7.93 16.08 6.67
CA ASP A 88 8.86 17.21 6.79
C ASP A 88 10.30 16.74 6.50
N GLN A 89 10.67 15.61 7.10
CA GLN A 89 12.02 15.08 6.98
C GLN A 89 12.32 14.54 5.58
N ALA A 90 11.31 13.96 4.95
CA ALA A 90 11.43 13.50 3.58
C ALA A 90 11.80 14.67 2.66
N VAL A 91 11.06 15.76 2.75
CA VAL A 91 11.30 16.97 1.95
C VAL A 91 12.64 17.62 2.30
N ALA A 92 12.96 17.73 3.58
CA ALA A 92 14.25 18.30 3.97
C ALA A 92 15.43 17.48 3.45
N HIS A 93 15.28 16.16 3.37
CA HIS A 93 16.41 15.32 2.95
C HIS A 93 16.62 15.38 1.46
N PHE A 94 15.55 15.19 0.69
CA PHE A 94 15.66 15.10 -0.77
C PHE A 94 15.35 16.41 -1.50
N GLY A 95 14.84 17.42 -0.80
CA GLY A 95 14.55 18.72 -1.43
C GLY A 95 13.08 18.86 -1.83
N HIS A 96 12.46 17.75 -2.20
CA HIS A 96 11.06 17.76 -2.59
C HIS A 96 10.50 16.36 -2.56
N LEU A 97 9.18 16.26 -2.69
CA LEU A 97 8.52 14.94 -2.70
C LEU A 97 7.42 14.94 -3.76
N ASP A 98 7.40 13.92 -4.61
CA ASP A 98 6.48 13.84 -5.76
C ASP A 98 5.40 12.80 -5.57
N ILE A 99 5.75 11.72 -4.89
CA ILE A 99 4.91 10.52 -4.80
C ILE A 99 4.83 10.05 -3.34
N ALA A 100 3.64 9.65 -2.91
CA ALA A 100 3.43 9.06 -1.59
C ALA A 100 2.54 7.83 -1.73
N VAL A 101 3.06 6.68 -1.32
CA VAL A 101 2.31 5.42 -1.33
C VAL A 101 2.23 4.86 0.08
N SER A 102 1.01 4.64 0.54
CA SER A 102 0.77 3.98 1.81
C SER A 102 0.46 2.49 1.63
N ASN A 103 1.27 1.65 2.26
CA ASN A 103 0.97 0.25 2.42
C ASN A 103 0.72 -0.06 3.89
N SER A 104 0.29 0.94 4.65
CA SER A 104 0.15 0.78 6.10
C SER A 104 -1.17 0.08 6.42
N GLY A 105 -1.10 -0.93 7.28
CA GLY A 105 -2.29 -1.60 7.73
C GLY A 105 -2.07 -2.87 8.52
N VAL A 106 -3.10 -3.28 9.25
CA VAL A 106 -3.12 -4.55 9.98
C VAL A 106 -4.42 -5.28 9.66
N VAL A 107 -4.33 -6.60 9.65
CA VAL A 107 -5.47 -7.44 9.43
C VAL A 107 -6.10 -7.81 10.78
N SER A 108 -7.36 -8.20 10.74
CA SER A 108 -8.13 -8.54 11.94
C SER A 108 -9.26 -9.49 11.57
N PHE A 109 -9.55 -10.40 12.47
CA PHE A 109 -10.63 -11.35 12.31
C PHE A 109 -11.42 -11.50 13.59
N GLY A 110 -12.71 -11.71 13.41
CA GLY A 110 -13.57 -12.08 14.51
C GLY A 110 -15.01 -11.83 14.14
N HIS A 111 -15.89 -12.66 14.69
CA HIS A 111 -17.35 -12.45 14.57
C HIS A 111 -17.68 -11.12 15.21
N LEU A 112 -18.58 -10.36 14.58
CA LEU A 112 -19.15 -9.13 15.13
C LEU A 112 -19.38 -9.16 16.65
N LYS A 113 -20.04 -10.21 17.12
CA LYS A 113 -20.42 -10.34 18.54
C LYS A 113 -19.26 -10.24 19.52
N ASP A 114 -18.04 -10.52 19.05
CA ASP A 114 -16.84 -10.62 19.90
C ASP A 114 -15.86 -9.45 19.68
N VAL A 115 -16.13 -8.56 18.72
CA VAL A 115 -15.21 -7.46 18.46
C VAL A 115 -15.29 -6.46 19.62
N THR A 116 -14.12 -6.10 20.13
CA THR A 116 -14.01 -5.17 21.25
C THR A 116 -13.72 -3.78 20.77
N GLU A 117 -13.99 -2.81 21.65
CA GLU A 117 -13.56 -1.44 21.45
C GLU A 117 -12.08 -1.34 21.09
N GLU A 118 -11.27 -2.08 21.84
CA GLU A 118 -9.81 -2.01 21.68
C GLU A 118 -9.34 -2.50 20.30
N GLU A 119 -9.97 -3.55 19.81
CA GLU A 119 -9.66 -4.09 18.50
C GLU A 119 -10.15 -3.14 17.40
N PHE A 120 -11.37 -2.63 17.52
CA PHE A 120 -11.85 -1.63 16.59
C PHE A 120 -10.82 -0.51 16.47
N ASP A 121 -10.39 0.04 17.60
CA ASP A 121 -9.44 1.13 17.57
C ASP A 121 -8.08 0.73 17.01
N ARG A 122 -7.58 -0.47 17.34
CA ARG A 122 -6.30 -0.94 16.80
C ARG A 122 -6.31 -0.90 15.28
N VAL A 123 -7.42 -1.35 14.71
CA VAL A 123 -7.53 -1.50 13.26
C VAL A 123 -7.76 -0.16 12.61
N PHE A 124 -8.77 0.58 13.06
CA PHE A 124 -9.11 1.86 12.42
C PHE A 124 -8.00 2.93 12.56
N SER A 125 -7.28 2.94 13.68
CA SER A 125 -6.24 3.95 13.91
C SER A 125 -5.16 3.91 12.84
N LEU A 126 -4.83 2.71 12.36
CA LEU A 126 -3.81 2.56 11.31
C LEU A 126 -4.41 2.53 9.91
N ASN A 127 -5.31 1.59 9.70
CA ASN A 127 -5.82 1.28 8.36
C ASN A 127 -6.58 2.44 7.74
N THR A 128 -7.24 3.24 8.58
CA THR A 128 -8.22 4.21 8.10
C THR A 128 -7.80 5.64 8.47
N ARG A 129 -7.72 5.90 9.76
CA ARG A 129 -7.22 7.18 10.28
C ARG A 129 -5.78 7.45 9.85
N GLY A 130 -4.88 6.48 10.05
CA GLY A 130 -3.48 6.65 9.63
C GLY A 130 -3.33 6.95 8.15
N GLN A 131 -3.97 6.16 7.30
CA GLN A 131 -3.91 6.39 5.85
C GLN A 131 -4.54 7.74 5.45
N PHE A 132 -5.61 8.15 6.13
CA PHE A 132 -6.22 9.48 5.89
C PHE A 132 -5.20 10.58 6.11
N PHE A 133 -4.49 10.53 7.23
CA PHE A 133 -3.53 11.58 7.52
C PHE A 133 -2.23 11.46 6.73
N VAL A 134 -1.90 10.26 6.25
CA VAL A 134 -0.81 10.12 5.28
C VAL A 134 -1.18 10.92 4.04
N ALA A 135 -2.42 10.77 3.58
CA ALA A 135 -2.89 11.54 2.41
C ALA A 135 -2.87 13.05 2.69
N ARG A 136 -3.30 13.47 3.89
CA ARG A 136 -3.30 14.90 4.23
C ARG A 136 -1.89 15.47 4.14
N GLU A 137 -0.96 14.80 4.80
CA GLU A 137 0.42 15.26 4.80
C GLU A 137 1.08 15.15 3.42
N ALA A 138 0.70 14.16 2.64
CA ALA A 138 1.19 14.05 1.27
C ALA A 138 0.67 15.25 0.45
N TYR A 139 -0.63 15.54 0.53
CA TYR A 139 -1.16 16.71 -0.16
C TYR A 139 -0.38 17.97 0.23
N ARG A 140 -0.15 18.13 1.52
CA ARG A 140 0.48 19.35 2.05
C ARG A 140 1.93 19.49 1.57
N HIS A 141 2.64 18.37 1.35
CA HIS A 141 4.08 18.44 1.05
C HIS A 141 4.43 18.24 -0.39
N LEU A 142 3.50 17.67 -1.18
CA LEU A 142 3.82 17.24 -2.53
C LEU A 142 4.00 18.38 -3.51
N THR A 143 4.85 18.14 -4.49
CA THR A 143 4.96 19.00 -5.65
C THR A 143 3.71 18.88 -6.52
N GLU A 144 3.40 19.95 -7.23
CA GLU A 144 2.28 19.92 -8.15
C GLU A 144 2.46 18.80 -9.17
N GLY A 145 1.37 18.15 -9.51
CA GLY A 145 1.42 17.08 -10.50
C GLY A 145 1.83 15.77 -9.87
N GLY A 146 1.79 15.68 -8.53
CA GLY A 146 2.23 14.49 -7.82
C GLY A 146 1.21 13.34 -7.78
N ARG A 147 1.49 12.39 -6.90
CA ARG A 147 0.74 11.13 -6.85
C ARG A 147 0.55 10.66 -5.42
N ILE A 148 -0.69 10.29 -5.07
CA ILE A 148 -0.98 9.61 -3.80
C ILE A 148 -1.70 8.28 -4.10
N VAL A 149 -1.20 7.19 -3.51
CA VAL A 149 -1.80 5.88 -3.60
C VAL A 149 -1.94 5.30 -2.19
N LEU A 150 -3.17 4.92 -1.82
CA LEU A 150 -3.48 4.26 -0.55
C LEU A 150 -3.80 2.79 -0.80
N THR A 151 -3.87 2.01 0.27
CA THR A 151 -4.14 0.58 0.14
C THR A 151 -5.53 0.26 0.71
N SER A 152 -6.38 -0.31 -0.15
CA SER A 152 -7.68 -0.78 0.23
C SER A 152 -7.56 -2.30 0.37
N SER A 153 -8.52 -3.05 -0.16
CA SER A 153 -8.49 -4.50 -0.13
C SER A 153 -9.64 -5.04 -0.98
N ASN A 154 -9.46 -6.21 -1.57
CA ASN A 154 -10.59 -6.84 -2.25
C ASN A 154 -11.77 -7.10 -1.31
N THR A 155 -11.51 -7.11 0.02
CA THR A 155 -12.55 -7.37 1.01
C THR A 155 -13.48 -6.14 1.24
N SER A 156 -13.07 -4.98 0.75
CA SER A 156 -13.87 -3.79 0.88
C SER A 156 -15.21 -3.95 0.16
N LYS A 157 -15.16 -4.39 -1.10
CA LYS A 157 -16.37 -4.51 -1.93
C LYS A 157 -16.50 -5.82 -2.71
N ASP A 158 -15.39 -6.42 -3.11
CA ASP A 158 -15.38 -7.49 -4.10
C ASP A 158 -15.39 -8.92 -3.54
N PHE A 159 -15.15 -9.07 -2.24
CA PHE A 159 -14.93 -10.36 -1.61
C PHE A 159 -15.56 -10.28 -0.23
N SER A 160 -16.39 -11.26 0.11
CA SER A 160 -17.10 -11.24 1.38
C SER A 160 -16.58 -12.39 2.23
N VAL A 161 -15.90 -12.05 3.32
CA VAL A 161 -15.33 -13.05 4.23
C VAL A 161 -16.06 -12.96 5.56
N PRO A 162 -16.78 -14.02 5.97
CA PRO A 162 -17.39 -14.00 7.29
C PRO A 162 -16.33 -13.71 8.37
N LYS A 163 -16.73 -13.05 9.46
CA LYS A 163 -15.83 -12.75 10.59
C LYS A 163 -14.70 -11.80 10.20
N HIS A 164 -14.95 -10.98 9.18
CA HIS A 164 -13.94 -10.04 8.70
C HIS A 164 -14.56 -8.67 8.52
N SER A 165 -15.60 -8.36 9.30
CA SER A 165 -16.33 -7.10 9.09
C SER A 165 -15.50 -5.85 9.42
N LEU A 166 -14.74 -5.91 10.51
CA LEU A 166 -13.96 -4.74 10.96
C LEU A 166 -12.92 -4.32 9.93
N TYR A 167 -12.15 -5.27 9.45
CA TYR A 167 -11.12 -5.01 8.44
C TYR A 167 -11.77 -4.52 7.12
N SER A 168 -12.85 -5.20 6.71
CA SER A 168 -13.53 -4.87 5.46
C SER A 168 -13.99 -3.41 5.47
N GLY A 169 -14.59 -2.98 6.58
CA GLY A 169 -15.04 -1.60 6.73
C GLY A 169 -13.90 -0.59 6.83
N SER A 170 -12.79 -1.00 7.45
CA SER A 170 -11.59 -0.13 7.49
C SER A 170 -11.08 0.23 6.09
N LYS A 171 -11.26 -0.68 5.14
CA LYS A 171 -10.89 -0.42 3.74
C LYS A 171 -12.03 0.19 2.93
N GLY A 172 -13.27 -0.14 3.25
CA GLY A 172 -14.40 0.53 2.63
C GLY A 172 -14.30 2.04 2.78
N ALA A 173 -13.86 2.49 3.94
CA ALA A 173 -13.63 3.90 4.19
C ALA A 173 -12.60 4.50 3.21
N VAL A 174 -11.53 3.77 2.98
CA VAL A 174 -10.43 4.21 2.10
C VAL A 174 -10.95 4.39 0.66
N ASP A 175 -11.83 3.49 0.20
CA ASP A 175 -12.37 3.61 -1.15
C ASP A 175 -13.08 4.94 -1.33
N SER A 176 -13.92 5.30 -0.36
CA SER A 176 -14.66 6.55 -0.43
C SER A 176 -13.69 7.73 -0.29
N PHE A 177 -12.72 7.62 0.63
CA PHE A 177 -11.73 8.68 0.80
C PHE A 177 -11.09 9.04 -0.54
N VAL A 178 -10.59 8.06 -1.27
CA VAL A 178 -9.77 8.39 -2.43
C VAL A 178 -10.59 9.06 -3.52
N ARG A 179 -11.85 8.66 -3.68
CA ARG A 179 -12.70 9.28 -4.69
C ARG A 179 -12.86 10.78 -4.41
N ILE A 180 -13.01 11.13 -3.14
CA ILE A 180 -13.18 12.53 -2.78
C ILE A 180 -11.84 13.25 -2.69
N PHE A 181 -10.81 12.59 -2.16
CA PHE A 181 -9.45 13.15 -2.15
C PHE A 181 -9.07 13.62 -3.55
N SER A 182 -9.49 12.90 -4.59
CA SER A 182 -9.09 13.29 -5.93
C SER A 182 -9.67 14.65 -6.29
N LYS A 183 -10.83 14.99 -5.73
CA LYS A 183 -11.43 16.29 -5.98
C LYS A 183 -10.58 17.39 -5.30
N ASP A 184 -10.36 17.26 -4.00
CA ASP A 184 -9.61 18.24 -3.23
C ASP A 184 -8.16 18.40 -3.76
N CYS A 185 -7.49 17.28 -4.02
CA CYS A 185 -6.09 17.29 -4.41
C CYS A 185 -5.86 17.75 -5.84
N GLY A 186 -6.91 17.80 -6.64
CA GLY A 186 -6.84 18.42 -7.96
C GLY A 186 -6.39 19.87 -7.94
N ASP A 187 -6.47 20.56 -6.82
CA ASP A 187 -6.00 21.95 -6.86
C ASP A 187 -4.44 22.06 -6.80
N LYS A 188 -3.74 20.93 -6.62
CA LYS A 188 -2.29 20.84 -6.91
C LYS A 188 -1.98 19.84 -8.04
N LYS A 189 -3.00 19.48 -8.81
CA LYS A 189 -2.88 18.48 -9.88
C LYS A 189 -2.30 17.17 -9.39
N ILE A 190 -2.65 16.78 -8.17
CA ILE A 190 -2.19 15.53 -7.59
C ILE A 190 -3.30 14.52 -7.80
N THR A 191 -3.00 13.36 -8.35
CA THR A 191 -3.99 12.28 -8.45
C THR A 191 -3.93 11.40 -7.21
N VAL A 192 -5.08 10.82 -6.88
CA VAL A 192 -5.24 9.99 -5.72
C VAL A 192 -6.02 8.72 -6.09
N ASN A 193 -5.40 7.58 -5.83
CA ASN A 193 -6.00 6.27 -6.11
C ASN A 193 -5.72 5.32 -4.98
N ALA A 194 -6.37 4.16 -5.01
CA ALA A 194 -6.02 3.07 -4.11
C ALA A 194 -5.86 1.78 -4.91
N VAL A 195 -5.00 0.91 -4.39
CA VAL A 195 -4.92 -0.45 -4.86
C VAL A 195 -5.63 -1.33 -3.83
N ALA A 196 -6.37 -2.31 -4.31
CA ALA A 196 -7.13 -3.25 -3.47
C ALA A 196 -6.67 -4.68 -3.77
N PRO A 197 -5.54 -5.09 -3.16
CA PRO A 197 -5.04 -6.44 -3.41
C PRO A 197 -5.96 -7.51 -2.85
N GLY A 198 -5.99 -8.64 -3.52
CA GLY A 198 -6.51 -9.85 -2.96
C GLY A 198 -5.40 -10.58 -2.19
N GLY A 199 -5.60 -11.87 -1.99
CA GLY A 199 -4.64 -12.67 -1.24
C GLY A 199 -3.31 -12.64 -1.96
N THR A 200 -2.30 -12.15 -1.25
CA THR A 200 -0.97 -11.95 -1.80
C THR A 200 0.02 -12.67 -0.88
N VAL A 201 0.84 -13.52 -1.45
CA VAL A 201 1.71 -14.38 -0.66
C VAL A 201 2.91 -13.60 -0.11
N THR A 202 3.05 -13.65 1.20
CA THR A 202 4.24 -13.17 1.91
C THR A 202 4.53 -14.17 3.02
N ASP A 203 5.58 -13.93 3.80
CA ASP A 203 5.87 -14.82 4.93
C ASP A 203 4.75 -14.84 6.00
N MET A 204 3.84 -13.86 5.95
CA MET A 204 2.68 -13.77 6.87
C MET A 204 1.42 -14.48 6.35
N PHE A 205 1.28 -14.62 5.04
CA PHE A 205 0.10 -15.22 4.42
C PHE A 205 -0.35 -16.53 5.10
N HIS A 206 0.61 -17.36 5.46
CA HIS A 206 0.33 -18.69 5.97
C HIS A 206 -0.23 -18.69 7.37
N GLU A 207 0.03 -17.64 8.14
CA GLU A 207 -0.50 -17.58 9.50
C GLU A 207 -1.96 -17.14 9.58
N VAL A 208 -2.49 -16.58 8.49
CA VAL A 208 -3.89 -16.11 8.47
C VAL A 208 -4.78 -16.73 7.37
N SER A 209 -4.23 -17.59 6.50
CA SER A 209 -4.95 -18.03 5.30
C SER A 209 -6.14 -18.91 5.66
N HIS A 210 -6.06 -19.52 6.83
CA HIS A 210 -7.16 -20.31 7.38
C HIS A 210 -8.44 -19.53 7.64
N HIS A 211 -8.32 -18.23 7.88
CA HIS A 211 -9.51 -17.37 8.12
C HIS A 211 -10.37 -17.16 6.90
N TYR A 212 -9.79 -17.36 5.71
CA TYR A 212 -10.48 -17.05 4.46
C TYR A 212 -11.18 -18.24 3.80
N ILE A 213 -11.06 -19.42 4.41
CA ILE A 213 -11.59 -20.67 3.87
C ILE A 213 -12.48 -21.32 4.91
N PRO A 214 -13.70 -21.74 4.53
CA PRO A 214 -14.53 -22.48 5.48
C PRO A 214 -13.80 -23.73 5.98
N ASN A 215 -13.75 -23.91 7.29
CA ASN A 215 -12.96 -25.00 7.91
C ASN A 215 -11.47 -25.00 7.54
N GLY A 216 -10.92 -23.80 7.35
CA GLY A 216 -9.53 -23.60 6.92
C GLY A 216 -8.45 -24.31 7.75
N THR A 217 -8.63 -24.42 9.06
CA THR A 217 -7.62 -25.07 9.88
C THR A 217 -7.55 -26.59 9.62
N SER A 218 -8.55 -27.15 8.93
CA SER A 218 -8.51 -28.57 8.54
C SER A 218 -7.80 -28.79 7.19
N TYR A 219 -7.16 -27.76 6.67
CA TYR A 219 -6.28 -27.89 5.50
C TYR A 219 -4.87 -27.45 5.90
N THR A 220 -3.87 -28.01 5.24
CA THR A 220 -2.48 -27.56 5.43
C THR A 220 -2.23 -26.20 4.78
N ALA A 221 -1.20 -25.51 5.26
CA ALA A 221 -0.81 -24.22 4.69
C ALA A 221 -0.67 -24.26 3.17
N GLU A 222 -0.07 -25.33 2.66
CA GLU A 222 0.18 -25.48 1.23
C GLU A 222 -1.12 -25.67 0.45
N GLN A 223 -2.04 -26.46 1.01
CA GLN A 223 -3.37 -26.62 0.40
C GLN A 223 -4.11 -25.30 0.37
N ARG A 224 -4.05 -24.56 1.48
CA ARG A 224 -4.68 -23.24 1.54
C ARG A 224 -4.06 -22.27 0.50
N GLN A 225 -2.73 -22.29 0.34
CA GLN A 225 -2.09 -21.45 -0.67
C GLN A 225 -2.56 -21.83 -2.07
N GLN A 226 -2.68 -23.14 -2.32
CA GLN A 226 -3.11 -23.65 -3.61
C GLN A 226 -4.57 -23.28 -3.88
N MET A 227 -5.41 -23.34 -2.85
CA MET A 227 -6.82 -22.93 -2.98
C MET A 227 -6.92 -21.45 -3.33
N ALA A 228 -6.08 -20.63 -2.69
CA ALA A 228 -6.04 -19.20 -3.01
C ALA A 228 -5.62 -18.97 -4.49
N ALA A 229 -4.64 -19.76 -4.94
CA ALA A 229 -4.17 -19.73 -6.34
C ALA A 229 -5.28 -20.06 -7.32
N HIS A 230 -6.09 -21.07 -7.01
CA HIS A 230 -7.19 -21.47 -7.89
C HIS A 230 -8.36 -20.51 -7.90
N ALA A 231 -8.44 -19.58 -6.94
CA ALA A 231 -9.48 -18.57 -6.96
C ALA A 231 -9.30 -17.60 -8.15
N SER A 232 -8.05 -17.38 -8.60
CA SER A 232 -7.79 -16.61 -9.82
C SER A 232 -7.91 -17.57 -11.03
N PRO A 233 -8.52 -17.10 -12.12
CA PRO A 233 -8.61 -17.97 -13.31
C PRO A 233 -7.24 -18.15 -14.00
N LEU A 234 -6.24 -17.38 -13.57
CA LEU A 234 -4.86 -17.61 -13.98
C LEU A 234 -4.18 -18.74 -13.18
N HIS A 235 -4.83 -19.24 -12.14
CA HIS A 235 -4.29 -20.37 -11.38
C HIS A 235 -2.89 -20.13 -10.83
N ARG A 236 -2.68 -18.96 -10.28
CA ARG A 236 -1.49 -18.68 -9.49
C ARG A 236 -1.86 -17.75 -8.38
N ASN A 237 -0.98 -17.65 -7.38
CA ASN A 237 -1.15 -16.69 -6.30
C ASN A 237 -0.79 -15.29 -6.76
N GLY A 238 -1.31 -14.29 -6.06
CA GLY A 238 -0.84 -12.92 -6.20
C GLY A 238 0.44 -12.80 -5.40
N TRP A 239 1.37 -12.00 -5.92
CA TRP A 239 2.66 -11.74 -5.25
C TRP A 239 2.85 -10.27 -5.04
N PRO A 240 3.73 -9.88 -4.12
CA PRO A 240 3.96 -8.46 -3.90
C PRO A 240 4.32 -7.67 -5.18
N GLN A 241 5.12 -8.25 -6.07
CA GLN A 241 5.44 -7.61 -7.36
C GLN A 241 4.20 -7.27 -8.20
N ASP A 242 3.13 -8.04 -8.05
CA ASP A 242 1.88 -7.77 -8.79
C ASP A 242 1.31 -6.42 -8.40
N VAL A 243 1.33 -6.13 -7.10
CA VAL A 243 0.86 -4.85 -6.59
C VAL A 243 1.86 -3.75 -6.95
N ALA A 244 3.16 -4.00 -6.78
CA ALA A 244 4.16 -2.99 -7.13
C ALA A 244 4.04 -2.55 -8.58
N ASN A 245 3.82 -3.51 -9.47
CA ASN A 245 3.70 -3.22 -10.90
C ASN A 245 2.60 -2.20 -11.18
N VAL A 246 1.45 -2.37 -10.52
CA VAL A 246 0.31 -1.51 -10.71
C VAL A 246 0.55 -0.14 -10.06
N VAL A 247 1.11 -0.14 -8.83
CA VAL A 247 1.45 1.11 -8.16
C VAL A 247 2.39 1.92 -9.05
N GLY A 248 3.39 1.26 -9.62
CA GLY A 248 4.34 1.91 -10.48
C GLY A 248 3.68 2.60 -11.66
N PHE A 249 2.66 1.96 -12.25
CA PHE A 249 1.94 2.55 -13.36
C PHE A 249 1.15 3.78 -12.89
N LEU A 250 0.43 3.65 -11.78
CA LEU A 250 -0.40 4.73 -11.26
C LEU A 250 0.38 5.99 -10.94
N VAL A 251 1.60 5.84 -10.44
CA VAL A 251 2.43 6.98 -10.00
C VAL A 251 3.26 7.55 -11.14
N SER A 252 3.19 6.91 -12.32
CA SER A 252 3.87 7.40 -13.49
C SER A 252 3.06 8.52 -14.17
N LYS A 253 3.72 9.23 -15.09
CA LYS A 253 3.05 10.25 -15.90
C LYS A 253 1.87 9.62 -16.63
N GLU A 254 2.08 8.42 -17.16
CA GLU A 254 1.12 7.74 -18.02
C GLU A 254 -0.12 7.22 -17.27
N GLY A 255 -0.06 7.19 -15.94
CA GLY A 255 -1.19 6.79 -15.12
C GLY A 255 -2.14 7.92 -14.77
N GLU A 256 -1.87 9.13 -15.26
CA GLU A 256 -2.56 10.35 -14.81
C GLU A 256 -4.07 10.29 -14.93
N TRP A 257 -4.57 9.67 -16.00
CA TRP A 257 -6.01 9.71 -16.23
C TRP A 257 -6.78 8.72 -15.36
N VAL A 258 -6.07 7.84 -14.65
CA VAL A 258 -6.64 7.04 -13.59
C VAL A 258 -6.54 7.89 -12.33
N ASN A 259 -7.68 8.36 -11.82
CA ASN A 259 -7.70 9.29 -10.72
C ASN A 259 -9.00 9.12 -9.96
N GLY A 260 -8.90 9.07 -8.64
CA GLY A 260 -10.05 8.87 -7.78
C GLY A 260 -10.61 7.46 -7.80
N LYS A 261 -9.80 6.49 -8.24
CA LYS A 261 -10.28 5.10 -8.43
C LYS A 261 -9.61 4.12 -7.46
N VAL A 262 -10.30 3.01 -7.24
CA VAL A 262 -9.78 1.87 -6.50
C VAL A 262 -9.69 0.69 -7.48
N LEU A 263 -8.48 0.17 -7.68
CA LEU A 263 -8.24 -0.95 -8.59
C LEU A 263 -8.08 -2.24 -7.79
N THR A 264 -9.00 -3.19 -7.97
CA THR A 264 -8.89 -4.49 -7.32
C THR A 264 -7.88 -5.34 -8.08
N LEU A 265 -6.87 -5.83 -7.36
CA LEU A 265 -5.77 -6.59 -7.92
C LEU A 265 -5.82 -8.01 -7.37
N ASP A 266 -6.63 -8.84 -8.02
CA ASP A 266 -6.86 -10.21 -7.56
C ASP A 266 -6.68 -11.22 -8.69
N GLY A 267 -6.04 -10.80 -9.79
CA GLY A 267 -5.85 -11.69 -10.92
C GLY A 267 -7.11 -12.25 -11.56
N GLY A 268 -8.23 -11.55 -11.40
CA GLY A 268 -9.50 -11.97 -12.00
C GLY A 268 -10.40 -12.81 -11.12
N ALA A 269 -10.08 -12.92 -9.82
CA ALA A 269 -10.88 -13.78 -8.93
C ALA A 269 -12.32 -13.33 -8.80
N ALA A 270 -12.55 -12.03 -8.67
CA ALA A 270 -13.88 -11.52 -8.35
C ALA A 270 -14.87 -11.74 -9.50
OAA CUE B . -5.14 -16.36 2.49
OAB CUE B . -6.02 -9.43 2.24
OAC CUE B . -9.83 -19.40 -1.51
CAD CUE B . -7.52 -10.79 0.93
CAE CUE B . -7.96 -19.01 -0.01
CAF CUE B . -7.85 -12.10 0.54
CAG CUE B . -7.15 -18.13 0.70
CAH CUE B . -5.72 -11.76 2.30
CAI CUE B . -9.25 -17.20 -0.90
OAJ CUE B . -5.35 -14.12 2.39
OAK CUE B . -8.47 -14.97 -0.13
CAL CUE B . -6.43 -10.65 1.82
CAM CUE B . -9.02 -18.56 -0.80
CAN CUE B . -5.72 -15.39 2.01
CAO CUE B . -6.07 -13.05 1.91
CAP CUE B . -8.44 -16.32 -0.20
CAQ CUE B . -7.14 -13.21 1.03
CAR CUE B . -7.38 -16.76 0.60
CAS CUE B . -7.48 -14.50 0.66
CAT CUE B . -6.78 -15.61 1.14
S DMS C . 8.76 10.32 13.39
O DMS C . 9.07 10.64 11.95
C1 DMS C . 10.18 9.68 14.04
C2 DMS C . 8.61 11.71 14.31
C1 GOL D . 3.85 12.80 -11.64
O1 GOL D . 4.28 11.99 -12.71
C2 GOL D . 4.93 12.77 -10.57
O2 GOL D . 5.74 13.96 -10.64
C3 GOL D . 5.81 11.52 -10.78
O3 GOL D . 5.50 10.79 -11.99
C1 GOL E . -21.17 -8.01 -4.53
O1 GOL E . -21.59 -7.21 -3.44
C2 GOL E . -19.92 -8.83 -4.27
O2 GOL E . -20.10 -10.20 -4.69
C3 GOL E . -19.52 -8.82 -2.82
O3 GOL E . -18.20 -9.35 -2.72
C1 GOL F . 16.14 11.40 8.76
O1 GOL F . 16.35 11.90 7.44
C2 GOL F . 16.56 12.47 9.75
O2 GOL F . 15.82 13.67 9.44
C3 GOL F . 18.04 12.75 9.64
O3 GOL F . 18.55 12.35 8.37
C1 GOL G . -16.14 -18.97 7.50
O1 GOL G . -16.43 -18.62 8.86
C2 GOL G . -14.67 -18.71 7.26
O2 GOL G . -14.25 -17.84 8.31
C3 GOL G . -14.40 -18.04 5.91
O3 GOL G . -15.28 -18.54 4.90
C1 GOL H . -7.72 -14.35 -4.02
O1 GOL H . -8.15 -13.09 -4.51
C2 GOL H . -8.38 -14.39 -2.67
O2 GOL H . -8.31 -13.08 -2.13
C3 GOL H . -9.84 -14.78 -2.89
O3 GOL H . -10.36 -13.90 -3.89
CL CL I . 6.70 -1.70 7.92
#